data_4BVG
#
_entry.id   4BVG
#
_cell.length_a   78.023
_cell.length_b   131.329
_cell.length_c   76.508
_cell.angle_alpha   90.00
_cell.angle_beta   90.00
_cell.angle_gamma   90.00
#
_symmetry.space_group_name_H-M   'C 2 2 21'
#
loop_
_entity.id
_entity.type
_entity.pdbx_description
1 polymer 'NAD-DEPENDENT PROTEIN DEACETYLASE SIRTUIN-3, MITOCHONDRIAL'
2 polymer 'ACETYL-COENZYME A SYNTHETASE 2-LIKE, MITOCHONDRIAL'
3 non-polymer 1,2-ETHANEDIOL
4 non-polymer GLYCEROL
5 non-polymer 'SULFATE ION'
6 non-polymer DI(HYDROXYETHYL)ETHER
7 non-polymer 'ZINC ION'
8 non-polymer '(2R,3R,4S,5R)-5-({[(R)-{[(R)-{[(2R,3S,4R,5R)-5-(6-AMINO-9H-PURIN-9-YL)-3,4-DIHYDROXYTETRAHYDROFURAN-2-YL]METHOXY}(HYDROXY)PHOSPHORYL]OXY}(HYDROXY)PHOSPHORYL]OXY}METHYL)-3,4-DIHYDROXYTETRAHYDROFURAN-2-YL ACETATE'
9 water water
#
loop_
_entity_poly.entity_id
_entity_poly.type
_entity_poly.pdbx_seq_one_letter_code
_entity_poly.pdbx_strand_id
1 'polypeptide(L)'
;GSSDKGKLSLQDVAELIRARACQRVVVMVGAGISTPSGIPDFRSPGSGLYSNLQQYDLPYPEAIFELPFFFHNPKPFFTL
AKELYPGNYKPNVTHYFLRLLHDKGLLLRLYTQNIDGLERVSGIPASKLVEAHGTFASATCTVCQRPFPGEDIRADVMAD
RVPRCPVCTGVVKPDIVFFGEPLPQRFLLHVVDFPMADLLLILGTSLEVEPFASLTEAVRSSVPRLLINRDLVGPLAWHP
RSRDVAQLGDVVHGVESLVELLGWTEEMRDLVQRETGKLDGPDK
;
A
2 'polypeptide(L)' TRSGKVMRRL B
#
# COMPACT_ATOMS: atom_id res chain seq x y z
N LYS A 7 23.49 -4.84 17.47
CA LYS A 7 22.58 -4.14 16.51
C LYS A 7 22.69 -4.75 15.09
N LEU A 8 21.59 -5.30 14.54
CA LEU A 8 21.60 -5.99 13.22
C LEU A 8 21.84 -5.08 12.01
N SER A 9 22.42 -5.66 10.95
CA SER A 9 22.66 -4.92 9.72
C SER A 9 21.77 -5.48 8.56
N LEU A 10 21.64 -4.72 7.48
CA LEU A 10 21.03 -5.22 6.26
C LEU A 10 21.64 -6.58 5.91
N GLN A 11 22.97 -6.67 5.90
CA GLN A 11 23.61 -7.94 5.56
C GLN A 11 23.14 -9.06 6.52
N ASP A 12 23.05 -8.76 7.82
CA ASP A 12 22.51 -9.71 8.79
C ASP A 12 21.14 -10.26 8.39
N VAL A 13 20.21 -9.35 8.02
CA VAL A 13 18.85 -9.72 7.59
C VAL A 13 18.89 -10.62 6.36
N ALA A 14 19.75 -10.27 5.41
CA ALA A 14 19.96 -11.12 4.25
C ALA A 14 20.39 -12.52 4.64
N GLU A 15 21.34 -12.62 5.57
CA GLU A 15 21.84 -13.94 6.03
C GLU A 15 20.79 -14.76 6.73
N LEU A 16 19.95 -14.11 7.54
CA LEU A 16 18.87 -14.81 8.19
C LEU A 16 17.95 -15.48 7.16
N ILE A 17 17.75 -14.81 6.02
CA ILE A 17 16.82 -15.32 5.02
C ILE A 17 17.52 -16.42 4.24
N ARG A 18 18.75 -16.12 3.80
CA ARG A 18 19.58 -17.09 3.09
C ARG A 18 19.82 -18.37 3.88
N ALA A 19 20.05 -18.25 5.19
CA ALA A 19 20.23 -19.42 6.07
C ALA A 19 18.90 -20.07 6.48
N ARG A 20 17.79 -19.58 5.92
CA ARG A 20 16.42 -20.06 6.21
C ARG A 20 16.05 -20.00 7.70
N ALA A 21 16.68 -19.08 8.43
CA ALA A 21 16.34 -18.84 9.81
C ALA A 21 15.08 -18.01 9.89
N CYS A 22 14.81 -17.21 8.85
CA CYS A 22 13.57 -16.37 8.71
C CYS A 22 12.79 -16.85 7.49
N GLN A 23 11.55 -17.28 7.68
CA GLN A 23 10.84 -17.84 6.55
C GLN A 23 9.38 -17.45 6.48
N ARG A 24 8.96 -16.50 7.31
CA ARG A 24 7.56 -16.08 7.28
C ARG A 24 7.54 -14.60 7.42
N VAL A 25 7.65 -13.95 6.26
CA VAL A 25 7.81 -12.52 6.21
C VAL A 25 6.47 -11.86 5.99
N VAL A 26 6.19 -10.86 6.82
CA VAL A 26 5.03 -10.02 6.69
C VAL A 26 5.53 -8.69 6.23
N VAL A 27 4.75 -8.04 5.37
CA VAL A 27 5.18 -6.75 4.89
C VAL A 27 4.13 -5.66 5.05
N MET A 28 4.59 -4.46 5.36
CA MET A 28 3.77 -3.27 5.43
C MET A 28 4.34 -2.21 4.50
N VAL A 29 3.47 -1.68 3.63
CA VAL A 29 3.85 -0.65 2.68
C VAL A 29 2.93 0.55 2.64
N GLY A 30 3.50 1.67 2.21
CA GLY A 30 2.78 2.92 2.01
C GLY A 30 3.09 3.57 0.68
N ALA A 31 2.68 4.81 0.54
CA ALA A 31 2.76 5.45 -0.73
C ALA A 31 4.23 5.66 -1.26
N GLY A 32 5.22 5.69 -0.37
CA GLY A 32 6.64 5.70 -0.79
C GLY A 32 7.08 4.62 -1.80
N ILE A 33 6.39 3.48 -1.84
CA ILE A 33 6.75 2.40 -2.80
C ILE A 33 6.20 2.65 -4.21
N SER A 34 5.33 3.64 -4.34
CA SER A 34 4.72 3.96 -5.63
C SER A 34 5.20 5.26 -6.26
N THR A 35 5.92 6.09 -5.51
CA THR A 35 6.52 7.28 -6.12
C THR A 35 7.52 6.91 -7.24
N PRO A 36 8.26 5.79 -7.09
CA PRO A 36 9.20 5.54 -8.19
C PRO A 36 8.52 5.15 -9.48
N SER A 37 7.22 4.88 -9.45
CA SER A 37 6.40 4.59 -10.67
C SER A 37 5.73 5.86 -11.24
N GLY A 38 5.83 6.98 -10.51
CA GLY A 38 5.37 8.28 -11.02
C GLY A 38 4.24 8.86 -10.20
N ILE A 39 3.69 8.04 -9.30
CA ILE A 39 2.63 8.50 -8.44
C ILE A 39 3.20 9.31 -7.26
N PRO A 40 2.91 10.58 -7.14
CA PRO A 40 3.43 11.33 -6.02
C PRO A 40 2.74 10.93 -4.74
N ASP A 41 3.41 11.10 -3.61
CA ASP A 41 2.88 10.69 -2.33
C ASP A 41 1.96 11.69 -1.60
N PHE A 42 1.88 11.59 -0.29
CA PHE A 42 1.01 12.48 0.49
C PHE A 42 1.72 13.63 1.19
N ARG A 43 2.85 13.28 1.84
CA ARG A 43 3.52 14.14 2.85
C ARG A 43 4.96 14.61 2.51
N SER A 44 5.47 14.26 1.33
CA SER A 44 6.73 14.83 0.82
C SER A 44 6.54 16.33 0.49
N PRO A 45 7.37 17.22 1.10
CA PRO A 45 7.32 18.67 0.82
C PRO A 45 7.44 18.98 -0.67
N GLY A 46 6.55 19.79 -1.24
CA GLY A 46 6.64 20.14 -2.66
C GLY A 46 5.83 19.24 -3.55
N SER A 47 6.26 17.97 -3.66
CA SER A 47 5.58 16.95 -4.51
C SER A 47 4.34 16.27 -3.88
N GLY A 48 4.29 16.17 -2.57
CA GLY A 48 3.25 15.39 -1.88
C GLY A 48 1.90 16.06 -1.99
N LEU A 49 0.89 15.24 -2.25
CA LEU A 49 -0.49 15.69 -2.41
C LEU A 49 -1.00 16.58 -1.25
N TYR A 50 -0.58 16.32 -0.01
CA TYR A 50 -0.94 17.23 1.12
C TYR A 50 -0.11 18.54 1.18
N SER A 51 0.64 18.86 0.12
CA SER A 51 1.29 20.16 0.03
C SER A 51 0.86 20.94 -1.21
N ASN A 52 0.57 20.23 -2.30
CA ASN A 52 0.46 20.88 -3.62
C ASN A 52 -0.67 20.37 -4.53
N LEU A 53 -1.72 21.18 -4.66
CA LEU A 53 -2.91 20.83 -5.47
C LEU A 53 -3.89 21.94 -5.86
N GLN A 54 -3.49 23.21 -5.72
CA GLN A 54 -4.34 24.32 -6.16
C GLN A 54 -5.08 24.01 -7.46
N GLN A 55 -6.39 24.30 -7.45
CA GLN A 55 -7.32 23.86 -8.50
C GLN A 55 -7.26 22.36 -8.80
N TYR A 56 -7.12 21.58 -7.72
CA TYR A 56 -7.64 20.20 -7.67
C TYR A 56 -9.12 20.34 -7.31
N ASP A 57 -9.52 21.57 -7.02
CA ASP A 57 -10.91 21.94 -6.70
C ASP A 57 -11.31 21.46 -5.29
N LEU A 58 -10.29 21.18 -4.50
CA LEU A 58 -10.46 20.71 -3.14
C LEU A 58 -10.29 21.85 -2.17
N PRO A 59 -11.28 21.97 -1.17
CA PRO A 59 -11.11 23.14 -0.31
C PRO A 59 -9.88 23.13 0.58
N TYR A 60 -9.34 21.97 0.83
CA TYR A 60 -8.03 21.74 1.44
C TYR A 60 -7.85 20.29 1.03
N PRO A 61 -6.60 19.78 0.93
CA PRO A 61 -6.22 18.44 0.35
C PRO A 61 -6.80 17.18 0.97
N GLU A 62 -6.95 17.16 2.30
CA GLU A 62 -7.46 15.98 3.02
C GLU A 62 -8.94 15.65 2.66
N ALA A 63 -9.64 16.60 2.05
CA ALA A 63 -11.02 16.40 1.67
C ALA A 63 -11.18 15.22 0.71
N ILE A 64 -10.11 14.88 -0.02
CA ILE A 64 -10.16 13.89 -1.09
C ILE A 64 -10.82 12.59 -0.62
N PHE A 65 -10.53 12.22 0.64
CA PHE A 65 -11.01 10.99 1.29
C PHE A 65 -11.91 11.26 2.50
N GLU A 66 -12.65 12.35 2.46
CA GLU A 66 -13.57 12.72 3.50
C GLU A 66 -15.00 12.67 2.92
N LEU A 67 -15.90 11.96 3.61
CA LEU A 67 -17.30 11.78 3.15
C LEU A 67 -18.09 13.06 3.00
N PRO A 68 -18.01 13.97 4.01
CA PRO A 68 -18.89 15.17 3.83
C PRO A 68 -18.55 15.84 2.52
N PHE A 69 -17.27 15.91 2.23
CA PHE A 69 -16.89 16.63 1.02
C PHE A 69 -17.26 15.80 -0.23
N PHE A 70 -17.02 14.49 -0.18
CA PHE A 70 -17.38 13.64 -1.29
C PHE A 70 -18.84 13.79 -1.68
N PHE A 71 -19.73 13.81 -0.69
CA PHE A 71 -21.16 13.93 -0.96
C PHE A 71 -21.53 15.33 -1.44
N HIS A 72 -20.85 16.36 -0.96
CA HIS A 72 -21.06 17.71 -1.53
C HIS A 72 -20.56 17.80 -2.98
N ASN A 73 -19.39 17.22 -3.26
CA ASN A 73 -18.86 17.25 -4.60
C ASN A 73 -17.92 16.07 -4.91
N PRO A 74 -18.43 15.07 -5.64
CA PRO A 74 -17.59 13.89 -5.83
C PRO A 74 -16.57 13.97 -6.97
N LYS A 75 -16.57 15.06 -7.75
CA LYS A 75 -15.69 15.15 -8.95
C LYS A 75 -14.18 15.11 -8.70
N PRO A 76 -13.69 15.80 -7.65
CA PRO A 76 -12.27 15.66 -7.33
C PRO A 76 -11.82 14.23 -7.06
N PHE A 77 -12.60 13.49 -6.26
CA PHE A 77 -12.28 12.09 -6.04
C PHE A 77 -12.25 11.25 -7.31
N PHE A 78 -13.25 11.44 -8.18
CA PHE A 78 -13.25 10.63 -9.43
C PHE A 78 -12.15 11.04 -10.43
N THR A 79 -11.72 12.30 -10.34
CA THR A 79 -10.53 12.78 -11.03
C THR A 79 -9.25 12.02 -10.61
N LEU A 80 -9.07 11.79 -9.30
CA LEU A 80 -7.98 10.90 -8.83
C LEU A 80 -8.22 9.45 -9.27
N ALA A 81 -9.47 9.02 -9.22
CA ALA A 81 -9.77 7.72 -9.77
C ALA A 81 -9.35 7.60 -11.24
N LYS A 82 -9.70 8.60 -12.07
CA LYS A 82 -9.32 8.57 -13.49
C LYS A 82 -7.81 8.41 -13.66
N GLU A 83 -7.04 9.20 -12.91
CA GLU A 83 -5.59 9.16 -12.91
C GLU A 83 -5.00 7.86 -12.43
N LEU A 84 -5.64 7.22 -11.46
CA LEU A 84 -5.10 6.01 -10.84
C LEU A 84 -5.72 4.73 -11.33
N TYR A 85 -6.29 4.69 -12.53
CA TYR A 85 -7.03 3.48 -12.82
C TYR A 85 -6.12 2.35 -13.30
N PRO A 86 -6.00 1.26 -12.47
CA PRO A 86 -5.12 0.18 -12.89
C PRO A 86 -5.13 0.14 -14.41
N GLY A 87 -3.94 0.37 -14.99
CA GLY A 87 -3.76 0.59 -16.42
C GLY A 87 -2.71 1.62 -16.77
N ASN A 88 -2.74 2.81 -16.16
CA ASN A 88 -1.86 3.89 -16.57
C ASN A 88 -0.63 4.19 -15.72
N TYR A 89 -0.33 3.32 -14.75
CA TYR A 89 0.97 3.33 -14.10
C TYR A 89 1.45 1.89 -14.05
N LYS A 90 2.77 1.72 -13.95
CA LYS A 90 3.33 0.36 -13.90
C LYS A 90 3.90 0.07 -12.53
N PRO A 91 3.94 -1.20 -12.15
CA PRO A 91 4.67 -1.51 -10.94
C PRO A 91 6.15 -1.23 -11.15
N ASN A 92 6.91 -1.15 -10.07
CA ASN A 92 8.32 -0.89 -10.14
C ASN A 92 9.03 -1.96 -9.33
N VAL A 93 10.36 -1.82 -9.25
CA VAL A 93 11.22 -2.85 -8.67
C VAL A 93 10.77 -3.27 -7.27
N THR A 94 10.20 -2.34 -6.50
CA THR A 94 9.72 -2.64 -5.16
C THR A 94 8.56 -3.66 -5.21
N HIS A 95 7.60 -3.48 -6.13
CA HIS A 95 6.51 -4.47 -6.30
C HIS A 95 7.02 -5.82 -6.79
N TYR A 96 7.88 -5.81 -7.83
CA TYR A 96 8.50 -7.05 -8.32
C TYR A 96 9.29 -7.80 -7.21
N PHE A 97 10.00 -7.07 -6.36
CA PHE A 97 10.65 -7.71 -5.24
C PHE A 97 9.64 -8.45 -4.31
N LEU A 98 8.54 -7.75 -3.94
CA LEU A 98 7.46 -8.41 -3.17
C LEU A 98 6.93 -9.67 -3.85
N ARG A 99 6.71 -9.59 -5.16
CA ARG A 99 6.27 -10.71 -5.99
C ARG A 99 7.24 -11.85 -5.92
N LEU A 100 8.52 -11.50 -5.94
CA LEU A 100 9.57 -12.48 -5.91
C LEU A 100 9.62 -13.12 -4.51
N LEU A 101 9.24 -12.38 -3.48
CA LEU A 101 9.19 -12.92 -2.12
C LEU A 101 8.08 -13.98 -2.12
N HIS A 102 6.96 -13.65 -2.76
CA HIS A 102 5.90 -14.63 -2.90
C HIS A 102 6.37 -15.85 -3.71
N ASP A 103 6.91 -15.67 -4.92
CA ASP A 103 7.41 -16.78 -5.74
C ASP A 103 8.45 -17.65 -5.04
N LYS A 104 9.29 -17.08 -4.19
CA LYS A 104 10.26 -17.90 -3.52
C LYS A 104 9.72 -18.54 -2.24
N GLY A 105 8.44 -18.35 -1.97
CA GLY A 105 7.80 -18.97 -0.82
C GLY A 105 8.06 -18.32 0.53
N LEU A 106 8.27 -17.01 0.55
CA LEU A 106 8.58 -16.32 1.79
C LEU A 106 7.51 -15.41 2.34
N LEU A 107 6.49 -15.13 1.52
CA LEU A 107 5.54 -14.10 1.89
C LEU A 107 4.37 -14.64 2.73
N LEU A 108 4.35 -14.32 4.02
CA LEU A 108 3.17 -14.63 4.83
C LEU A 108 2.04 -13.71 4.37
N ARG A 109 2.26 -12.40 4.41
CA ARG A 109 1.18 -11.50 3.97
C ARG A 109 1.72 -10.13 3.65
N LEU A 110 1.10 -9.47 2.66
CA LEU A 110 1.42 -8.08 2.33
C LEU A 110 0.29 -7.10 2.70
N TYR A 111 0.59 -6.17 3.61
CA TYR A 111 -0.37 -5.21 4.05
C TYR A 111 -0.04 -3.88 3.37
N THR A 112 -0.99 -3.37 2.58
CA THR A 112 -0.81 -2.12 1.88
C THR A 112 -1.83 -1.05 2.28
N GLN A 113 -1.34 0.19 2.39
CA GLN A 113 -2.18 1.35 2.54
C GLN A 113 -2.56 1.98 1.22
N ASN A 114 -1.99 1.45 0.11
CA ASN A 114 -2.14 2.08 -1.20
C ASN A 114 -3.42 1.64 -1.89
N ILE A 115 -3.96 2.50 -2.73
CA ILE A 115 -5.16 2.15 -3.48
C ILE A 115 -4.82 2.06 -4.99
N ASP A 116 -3.54 2.18 -5.33
CA ASP A 116 -3.15 2.13 -6.76
C ASP A 116 -3.27 0.74 -7.43
N GLY A 117 -3.43 -0.35 -6.67
CA GLY A 117 -3.66 -1.68 -7.30
C GLY A 117 -2.40 -2.37 -7.86
N LEU A 118 -1.24 -1.75 -7.63
CA LEU A 118 0.00 -2.19 -8.31
C LEU A 118 0.53 -3.49 -7.75
N GLU A 119 0.16 -3.81 -6.51
CA GLU A 119 0.49 -5.14 -5.93
C GLU A 119 -0.19 -6.26 -6.77
N ARG A 120 -1.48 -6.12 -7.06
CA ARG A 120 -2.24 -7.12 -7.86
C ARG A 120 -1.72 -7.08 -9.26
N VAL A 121 -1.51 -5.88 -9.83
CA VAL A 121 -0.99 -5.80 -11.22
C VAL A 121 0.35 -6.57 -11.42
N SER A 122 1.14 -6.68 -10.36
CA SER A 122 2.46 -7.26 -10.44
C SER A 122 2.39 -8.76 -10.28
N GLY A 123 1.19 -9.30 -10.07
CA GLY A 123 0.98 -10.77 -9.94
C GLY A 123 1.01 -11.32 -8.53
N ILE A 124 1.15 -10.48 -7.50
CA ILE A 124 0.90 -11.01 -6.15
C ILE A 124 -0.60 -11.39 -5.98
N PRO A 125 -0.91 -12.67 -5.66
CA PRO A 125 -2.34 -13.10 -5.58
C PRO A 125 -3.12 -12.43 -4.45
N ALA A 126 -4.41 -12.21 -4.68
CA ALA A 126 -5.29 -11.58 -3.70
C ALA A 126 -5.13 -12.25 -2.35
N SER A 127 -4.99 -13.57 -2.31
CA SER A 127 -4.95 -14.28 -1.01
C SER A 127 -3.74 -13.90 -0.14
N LYS A 128 -2.71 -13.35 -0.76
CA LYS A 128 -1.52 -12.93 0.00
C LYS A 128 -1.60 -11.43 0.33
N LEU A 129 -2.72 -10.81 -0.03
CA LEU A 129 -2.79 -9.37 0.00
C LEU A 129 -3.88 -8.90 0.97
N VAL A 130 -3.51 -7.96 1.83
CA VAL A 130 -4.49 -7.18 2.60
C VAL A 130 -4.44 -5.75 2.11
N GLU A 131 -5.50 -5.35 1.43
CA GLU A 131 -5.64 -3.99 0.97
C GLU A 131 -6.36 -3.15 2.03
N ALA A 132 -5.57 -2.67 2.96
CA ALA A 132 -6.08 -2.15 4.23
C ALA A 132 -6.91 -0.91 4.06
N HIS A 133 -6.64 -0.13 3.00
CA HIS A 133 -7.32 1.16 2.83
C HIS A 133 -8.31 1.06 1.67
N GLY A 134 -8.63 -0.19 1.33
CA GLY A 134 -9.65 -0.50 0.34
C GLY A 134 -9.13 -0.66 -1.09
N THR A 135 -10.06 -0.85 -2.03
CA THR A 135 -9.74 -1.17 -3.41
C THR A 135 -10.73 -0.61 -4.45
N PHE A 136 -10.30 -0.61 -5.71
CA PHE A 136 -11.10 -0.21 -6.85
C PHE A 136 -11.60 -1.45 -7.55
N ALA A 137 -11.18 -2.64 -7.10
CA ALA A 137 -11.69 -3.92 -7.68
C ALA A 137 -13.23 -3.92 -7.66
N SER A 138 -13.83 -3.40 -6.58
CA SER A 138 -15.29 -3.33 -6.50
C SER A 138 -15.83 -1.96 -6.06
N ALA A 139 -17.14 -1.77 -6.22
CA ALA A 139 -17.83 -0.53 -5.83
C ALA A 139 -19.17 -0.83 -5.15
N THR A 140 -19.73 0.16 -4.45
CA THR A 140 -21.02 0.05 -3.75
C THR A 140 -21.81 1.32 -3.92
N CYS A 141 -23.10 1.17 -4.22
CA CYS A 141 -23.97 2.32 -4.29
C CYS A 141 -24.09 2.88 -2.89
N THR A 142 -23.91 4.20 -2.79
CA THR A 142 -23.96 4.84 -1.47
C THR A 142 -25.37 4.97 -0.87
N VAL A 143 -26.39 4.69 -1.67
CA VAL A 143 -27.77 4.81 -1.18
C VAL A 143 -28.41 3.45 -0.84
N CYS A 144 -28.33 2.51 -1.76
CA CYS A 144 -29.09 1.28 -1.64
C CYS A 144 -28.15 0.13 -1.34
N GLN A 145 -26.85 0.44 -1.27
CA GLN A 145 -25.78 -0.55 -1.03
C GLN A 145 -25.65 -1.75 -2.04
N ARG A 146 -26.28 -1.67 -3.21
CA ARG A 146 -26.05 -2.71 -4.23
C ARG A 146 -24.55 -2.70 -4.63
N PRO A 147 -23.88 -3.89 -4.68
CA PRO A 147 -22.45 -3.98 -5.06
C PRO A 147 -22.29 -4.09 -6.57
N PHE A 148 -21.23 -3.54 -7.10
CA PHE A 148 -20.96 -3.57 -8.53
C PHE A 148 -19.48 -3.93 -8.70
N PRO A 149 -19.13 -4.64 -9.76
CA PRO A 149 -17.73 -4.88 -10.05
C PRO A 149 -17.11 -3.60 -10.50
N GLY A 150 -15.85 -3.42 -10.19
CA GLY A 150 -15.18 -2.17 -10.45
C GLY A 150 -15.06 -1.71 -11.87
N GLU A 151 -15.28 -2.60 -12.80
CA GLU A 151 -15.21 -2.29 -14.19
C GLU A 151 -16.45 -1.55 -14.63
N ASP A 152 -17.55 -1.78 -13.94
CA ASP A 152 -18.83 -1.11 -14.28
C ASP A 152 -18.82 0.41 -14.16
N ILE A 153 -17.70 0.98 -13.77
CA ILE A 153 -17.62 2.39 -13.48
C ILE A 153 -16.39 2.98 -14.14
N ARG A 154 -15.61 2.09 -14.74
CA ARG A 154 -14.44 2.45 -15.54
C ARG A 154 -14.82 3.41 -16.67
N ALA A 155 -15.88 3.07 -17.41
CA ALA A 155 -16.28 3.85 -18.56
C ALA A 155 -16.81 5.20 -18.15
N ASP A 156 -17.49 5.26 -17.01
CA ASP A 156 -18.03 6.53 -16.53
C ASP A 156 -16.89 7.51 -16.19
N VAL A 157 -15.86 6.98 -15.52
CA VAL A 157 -14.74 7.77 -15.07
C VAL A 157 -13.92 8.25 -16.27
N MET A 158 -13.68 7.38 -17.25
CA MET A 158 -13.00 7.77 -18.50
C MET A 158 -13.78 8.90 -19.15
N ALA A 159 -15.10 8.76 -19.17
CA ALA A 159 -16.02 9.72 -19.78
C ALA A 159 -16.24 10.95 -18.93
N ASP A 160 -15.68 10.98 -17.73
CA ASP A 160 -15.87 12.14 -16.86
C ASP A 160 -17.30 12.23 -16.32
N ARG A 161 -17.94 11.10 -16.17
CA ARG A 161 -19.23 11.09 -15.51
C ARG A 161 -19.01 10.61 -14.10
N VAL A 162 -19.90 11.07 -13.22
CA VAL A 162 -20.05 10.55 -11.89
C VAL A 162 -20.84 9.24 -12.05
N PRO A 163 -20.26 8.09 -11.61
CA PRO A 163 -21.00 6.80 -11.69
C PRO A 163 -22.26 6.87 -10.82
N ARG A 164 -23.40 6.43 -11.37
CA ARG A 164 -24.64 6.27 -10.58
C ARG A 164 -25.30 4.88 -10.65
N CYS A 165 -26.09 4.57 -9.63
CA CYS A 165 -26.79 3.32 -9.51
C CYS A 165 -27.91 3.27 -10.57
N PRO A 166 -27.91 2.27 -11.48
CA PRO A 166 -29.07 1.99 -12.35
C PRO A 166 -30.42 1.78 -11.61
N VAL A 167 -30.42 1.45 -10.32
CA VAL A 167 -31.66 1.13 -9.64
C VAL A 167 -32.18 2.36 -8.88
N CYS A 168 -31.33 3.02 -8.09
CA CYS A 168 -31.82 4.12 -7.25
C CYS A 168 -31.30 5.54 -7.62
N THR A 169 -30.36 5.59 -8.58
CA THR A 169 -29.69 6.79 -9.10
C THR A 169 -28.64 7.39 -8.15
N GLY A 170 -28.50 6.83 -6.95
CA GLY A 170 -27.43 7.22 -6.02
C GLY A 170 -26.02 7.09 -6.57
N VAL A 171 -25.09 7.83 -5.96
CA VAL A 171 -23.67 7.82 -6.38
C VAL A 171 -23.11 6.46 -5.97
N VAL A 172 -22.37 5.87 -6.87
CA VAL A 172 -21.67 4.62 -6.68
C VAL A 172 -20.23 4.89 -6.41
N LYS A 173 -19.71 4.39 -5.31
CA LYS A 173 -18.36 4.70 -4.88
C LYS A 173 -17.46 3.47 -4.76
N PRO A 174 -16.26 3.50 -5.47
CA PRO A 174 -15.36 2.37 -5.17
C PRO A 174 -15.11 2.06 -3.72
N ASP A 175 -14.82 0.82 -3.40
CA ASP A 175 -14.73 0.36 -2.03
C ASP A 175 -13.40 0.81 -1.40
N ILE A 176 -13.11 2.09 -1.58
CA ILE A 176 -12.09 2.81 -0.86
C ILE A 176 -12.59 3.27 0.51
N VAL A 177 -11.76 3.06 1.53
CA VAL A 177 -11.96 3.49 2.88
C VAL A 177 -11.78 5.00 3.00
N PHE A 178 -12.82 5.71 3.44
CA PHE A 178 -12.67 7.13 3.76
C PHE A 178 -12.35 7.31 5.23
N PHE A 179 -11.82 8.47 5.57
CA PHE A 179 -11.59 8.79 7.01
C PHE A 179 -12.82 8.62 7.86
N GLY A 180 -12.60 8.08 9.06
CA GLY A 180 -13.70 7.78 9.95
C GLY A 180 -14.30 6.40 9.73
N GLU A 181 -14.09 5.78 8.59
CA GLU A 181 -14.67 4.47 8.41
C GLU A 181 -13.70 3.38 8.90
N PRO A 182 -14.25 2.29 9.40
CA PRO A 182 -13.31 1.19 9.74
C PRO A 182 -12.75 0.50 8.47
N LEU A 183 -11.72 -0.32 8.66
CA LEU A 183 -11.01 -0.98 7.57
C LEU A 183 -11.69 -2.30 7.18
N PRO A 184 -11.46 -2.80 5.95
CA PRO A 184 -12.17 -4.03 5.51
C PRO A 184 -11.97 -5.17 6.52
N GLN A 185 -12.88 -6.11 6.64
CA GLN A 185 -12.67 -7.18 7.65
C GLN A 185 -11.42 -8.05 7.38
N ARG A 186 -10.99 -8.17 6.12
CA ARG A 186 -9.73 -8.83 5.80
C ARG A 186 -8.59 -8.28 6.67
N PHE A 187 -8.69 -7.04 7.11
CA PHE A 187 -7.67 -6.45 7.93
C PHE A 187 -7.48 -7.23 9.21
N LEU A 188 -8.57 -7.84 9.71
CA LEU A 188 -8.52 -8.65 10.93
C LEU A 188 -7.55 -9.85 10.88
N LEU A 189 -7.12 -10.25 9.67
CA LEU A 189 -6.06 -11.27 9.50
C LEU A 189 -4.77 -10.95 10.27
N HIS A 190 -4.61 -9.70 10.70
CA HIS A 190 -3.41 -9.36 11.44
C HIS A 190 -3.33 -10.11 12.77
N VAL A 191 -4.48 -10.41 13.36
CA VAL A 191 -4.55 -11.15 14.63
C VAL A 191 -3.74 -12.45 14.51
N VAL A 192 -3.94 -13.16 13.40
CA VAL A 192 -3.15 -14.36 13.10
C VAL A 192 -1.75 -14.09 12.53
N ASP A 193 -1.65 -13.16 11.57
CA ASP A 193 -0.42 -12.99 10.76
C ASP A 193 0.76 -12.52 11.58
N PHE A 194 0.58 -11.44 12.31
CA PHE A 194 1.70 -10.83 13.02
C PHE A 194 2.41 -11.71 14.08
N PRO A 195 1.66 -12.49 14.88
CA PRO A 195 2.36 -13.45 15.78
C PRO A 195 3.07 -14.58 15.03
N MET A 196 2.56 -14.93 13.87
CA MET A 196 3.13 -16.03 13.12
C MET A 196 4.41 -15.60 12.38
N ALA A 197 4.63 -14.28 12.23
CA ALA A 197 5.72 -13.78 11.41
C ALA A 197 7.08 -13.91 12.11
N ASP A 198 8.13 -14.25 11.36
CA ASP A 198 9.53 -14.25 11.89
C ASP A 198 10.43 -13.17 11.28
N LEU A 199 9.84 -12.20 10.57
CA LEU A 199 10.55 -11.00 10.06
C LEU A 199 9.48 -10.00 9.63
N LEU A 200 9.74 -8.73 9.88
CA LEU A 200 8.82 -7.69 9.42
C LEU A 200 9.57 -6.72 8.55
N LEU A 201 9.02 -6.43 7.38
CA LEU A 201 9.56 -5.41 6.49
C LEU A 201 8.63 -4.23 6.42
N ILE A 202 9.17 -3.01 6.55
CA ILE A 202 8.37 -1.77 6.42
C ILE A 202 8.92 -0.87 5.31
N LEU A 203 8.08 -0.59 4.32
CA LEU A 203 8.51 0.04 3.07
C LEU A 203 7.67 1.21 2.68
N GLY A 204 8.34 2.36 2.56
CA GLY A 204 7.80 3.55 1.98
C GLY A 204 6.56 4.06 2.67
N THR A 205 6.62 4.13 3.98
CA THR A 205 5.54 4.80 4.67
C THR A 205 6.02 5.66 5.86
N SER A 206 5.23 6.68 6.18
CA SER A 206 5.54 7.60 7.30
C SER A 206 4.83 7.12 8.57
N LEU A 207 3.95 6.13 8.40
CA LEU A 207 3.21 5.51 9.48
C LEU A 207 2.35 6.52 10.31
N GLU A 208 1.75 7.50 9.64
CA GLU A 208 0.96 8.54 10.29
C GLU A 208 -0.55 8.26 10.24
N VAL A 209 -0.96 7.08 9.79
CA VAL A 209 -2.37 6.74 9.76
C VAL A 209 -2.67 5.49 10.56
N GLU A 210 -3.75 5.56 11.32
CA GLU A 210 -4.19 4.48 12.17
C GLU A 210 -5.52 3.92 11.66
N PRO A 211 -5.85 2.65 12.00
CA PRO A 211 -5.06 1.74 12.90
C PRO A 211 -3.94 0.98 12.20
N PHE A 212 -3.74 1.26 10.91
CA PHE A 212 -2.67 0.59 10.16
C PHE A 212 -1.27 0.71 10.81
N ALA A 213 -0.90 1.89 11.24
CA ALA A 213 0.43 2.11 11.81
C ALA A 213 0.73 1.16 12.97
N SER A 214 -0.25 0.97 13.86
CA SER A 214 -0.07 0.21 15.11
C SER A 214 0.42 -1.20 14.91
N LEU A 215 0.30 -1.71 13.69
CA LEU A 215 0.74 -3.08 13.38
C LEU A 215 2.24 -3.32 13.56
N THR A 216 3.05 -2.28 13.45
CA THR A 216 4.48 -2.38 13.76
C THR A 216 4.74 -2.99 15.13
N GLU A 217 3.84 -2.74 16.08
CA GLU A 217 4.05 -3.26 17.43
C GLU A 217 3.59 -4.69 17.62
N ALA A 218 2.84 -5.25 16.67
CA ALA A 218 2.21 -6.54 16.90
C ALA A 218 3.10 -7.76 16.64
N VAL A 219 4.37 -7.55 16.24
CA VAL A 219 5.28 -8.71 16.14
C VAL A 219 6.01 -8.93 17.46
N ARG A 220 6.34 -10.19 17.71
CA ARG A 220 7.15 -10.61 18.87
C ARG A 220 8.52 -9.95 18.88
N SER A 221 9.08 -9.84 20.07
CA SER A 221 10.30 -9.08 20.30
C SER A 221 11.56 -9.71 19.76
N SER A 222 11.50 -10.99 19.43
CA SER A 222 12.66 -11.65 18.78
C SER A 222 12.64 -11.47 17.26
N VAL A 223 11.61 -10.77 16.75
CA VAL A 223 11.38 -10.64 15.32
C VAL A 223 12.05 -9.38 14.81
N PRO A 224 12.98 -9.53 13.85
CA PRO A 224 13.57 -8.29 13.28
C PRO A 224 12.54 -7.42 12.49
N ARG A 225 12.61 -6.09 12.67
CA ARG A 225 11.78 -5.14 11.92
C ARG A 225 12.71 -4.31 11.03
N LEU A 226 12.64 -4.59 9.72
CA LEU A 226 13.47 -3.87 8.71
C LEU A 226 12.70 -2.76 8.00
N LEU A 227 13.24 -1.55 8.11
CA LEU A 227 12.68 -0.37 7.50
C LEU A 227 13.52 0.00 6.29
N ILE A 228 12.87 0.17 5.14
CA ILE A 228 13.52 0.77 3.96
C ILE A 228 12.69 1.97 3.58
N ASN A 229 13.29 3.14 3.76
CA ASN A 229 12.55 4.38 3.72
C ASN A 229 13.47 5.53 3.69
N ARG A 230 13.03 6.64 3.06
CA ARG A 230 13.81 7.88 3.03
C ARG A 230 14.20 8.33 4.45
N ASP A 231 13.32 8.13 5.44
CA ASP A 231 13.62 8.54 6.83
C ASP A 231 13.11 7.60 7.93
N LEU A 232 13.72 7.73 9.11
CA LEU A 232 13.31 7.01 10.33
C LEU A 232 11.87 7.39 10.59
N VAL A 233 11.01 6.45 11.00
CA VAL A 233 9.61 6.81 11.29
C VAL A 233 9.00 5.88 12.31
N GLY A 234 7.89 6.31 12.91
CA GLY A 234 7.20 5.53 13.93
C GLY A 234 8.14 5.17 15.06
N PRO A 235 8.08 3.91 15.53
CA PRO A 235 8.79 3.44 16.72
C PRO A 235 10.25 3.16 16.45
N LEU A 236 10.67 3.21 15.20
CA LEU A 236 12.08 3.13 14.88
C LEU A 236 12.71 4.50 15.05
N ALA A 237 11.85 5.52 15.02
CA ALA A 237 12.20 6.90 15.32
C ALA A 237 12.18 7.14 16.83
N TRP A 238 11.05 6.88 17.48
CA TRP A 238 10.88 7.32 18.87
C TRP A 238 11.30 6.33 19.95
N HIS A 239 11.20 5.02 19.66
CA HIS A 239 11.63 3.99 20.64
C HIS A 239 12.06 2.63 20.02
N PRO A 240 13.30 2.55 19.49
CA PRO A 240 13.77 1.35 18.77
C PRO A 240 13.78 0.09 19.62
N ARG A 241 13.44 -1.05 19.02
CA ARG A 241 13.72 -2.35 19.63
C ARG A 241 15.12 -2.77 19.20
N SER A 242 15.65 -3.80 19.84
CA SER A 242 17.06 -4.10 19.66
C SER A 242 17.28 -4.76 18.33
N ARG A 243 16.24 -5.38 17.77
CA ARG A 243 16.37 -6.08 16.49
C ARG A 243 15.85 -5.30 15.26
N ASP A 244 15.73 -3.98 15.44
CA ASP A 244 15.35 -3.06 14.39
C ASP A 244 16.51 -2.68 13.49
N VAL A 245 16.22 -2.56 12.19
CA VAL A 245 17.20 -2.17 11.19
C VAL A 245 16.59 -1.11 10.23
N ALA A 246 17.30 0.00 10.04
CA ALA A 246 16.90 1.05 9.11
C ALA A 246 17.87 1.13 7.91
N GLN A 247 17.36 0.95 6.69
CA GLN A 247 18.13 1.19 5.47
C GLN A 247 17.61 2.46 4.80
N LEU A 248 18.20 3.59 5.18
CA LEU A 248 17.70 4.90 4.82
C LEU A 248 18.22 5.33 3.49
N GLY A 249 17.32 5.85 2.67
CA GLY A 249 17.66 6.27 1.32
C GLY A 249 16.47 6.00 0.42
N ASP A 250 16.74 5.97 -0.87
CA ASP A 250 15.70 5.76 -1.81
C ASP A 250 15.29 4.27 -1.73
N VAL A 251 13.98 4.00 -1.75
CA VAL A 251 13.45 2.69 -1.42
C VAL A 251 13.86 1.65 -2.47
N VAL A 252 13.88 2.07 -3.74
CA VAL A 252 14.34 1.19 -4.81
C VAL A 252 15.83 0.80 -4.65
N HIS A 253 16.69 1.78 -4.35
CA HIS A 253 18.09 1.48 -3.91
C HIS A 253 18.22 0.54 -2.69
N GLY A 254 17.41 0.77 -1.63
CA GLY A 254 17.40 -0.11 -0.46
C GLY A 254 17.00 -1.52 -0.88
N VAL A 255 15.90 -1.61 -1.64
CA VAL A 255 15.48 -2.89 -2.21
C VAL A 255 16.52 -3.54 -3.14
N GLU A 256 17.17 -2.73 -4.00
CA GLU A 256 18.21 -3.29 -4.92
C GLU A 256 19.42 -3.82 -4.15
N SER A 257 19.84 -3.15 -3.06
CA SER A 257 20.91 -3.70 -2.18
C SER A 257 20.51 -5.04 -1.58
N LEU A 258 19.33 -5.07 -0.96
CA LEU A 258 18.85 -6.28 -0.35
C LEU A 258 18.82 -7.43 -1.41
N VAL A 259 18.21 -7.17 -2.56
CA VAL A 259 18.14 -8.18 -3.62
C VAL A 259 19.54 -8.73 -3.99
N GLU A 260 20.51 -7.85 -3.99
CA GLU A 260 21.89 -8.20 -4.25
C GLU A 260 22.46 -9.08 -3.10
N LEU A 261 22.19 -8.73 -1.84
CA LEU A 261 22.73 -9.49 -0.71
C LEU A 261 22.08 -10.87 -0.65
N LEU A 262 20.89 -10.97 -1.22
CA LEU A 262 20.16 -12.23 -1.24
C LEU A 262 20.52 -13.20 -2.41
N GLY A 263 21.32 -12.74 -3.39
CA GLY A 263 21.60 -13.53 -4.58
C GLY A 263 20.47 -13.62 -5.59
N TRP A 264 19.61 -12.60 -5.68
CA TRP A 264 18.46 -12.67 -6.60
C TRP A 264 18.48 -11.70 -7.77
N THR A 265 19.61 -11.05 -8.04
CA THR A 265 19.72 -10.03 -9.09
C THR A 265 19.37 -10.47 -10.51
N GLU A 266 19.88 -11.60 -10.97
CA GLU A 266 19.42 -12.05 -12.27
C GLU A 266 17.94 -12.45 -12.29
N GLU A 267 17.49 -13.17 -11.28
CA GLU A 267 16.09 -13.57 -11.26
C GLU A 267 15.09 -12.38 -11.26
N MET A 268 15.44 -11.33 -10.54
CA MET A 268 14.69 -10.08 -10.50
C MET A 268 14.50 -9.48 -11.90
N ARG A 269 15.63 -9.18 -12.55
CA ARG A 269 15.64 -8.61 -13.87
C ARG A 269 15.03 -9.58 -14.90
N ASP A 270 15.17 -10.87 -14.70
CA ASP A 270 14.37 -11.82 -15.44
C ASP A 270 12.90 -11.47 -15.23
N LEU A 271 12.43 -11.54 -13.99
CA LEU A 271 11.01 -11.33 -13.71
C LEU A 271 10.49 -10.00 -14.26
N VAL A 272 11.21 -8.93 -14.10
CA VAL A 272 10.73 -7.76 -14.75
C VAL A 272 10.35 -8.05 -16.23
N GLN A 273 11.28 -8.53 -17.02
CA GLN A 273 11.07 -8.99 -18.38
C GLN A 273 9.73 -9.58 -18.65
N ARG A 274 9.50 -10.81 -18.21
CA ARG A 274 8.18 -11.37 -18.30
C ARG A 274 7.08 -10.49 -17.69
N GLU A 275 7.42 -9.38 -17.04
CA GLU A 275 6.39 -8.48 -16.43
C GLU A 275 6.14 -7.16 -17.13
N THR A 276 7.03 -6.17 -16.90
CA THR A 276 6.91 -4.79 -17.44
C THR A 276 6.94 -4.84 -18.96
N GLY A 277 7.67 -5.82 -19.51
CA GLY A 277 7.45 -6.24 -20.87
C GLY A 277 5.99 -6.60 -21.15
N LYS A 278 5.51 -7.71 -20.58
CA LYS A 278 4.17 -8.25 -20.88
C LYS A 278 3.00 -7.54 -20.19
N LEU A 279 3.11 -6.21 -20.03
CA LEU A 279 2.02 -5.34 -19.56
C LEU A 279 1.63 -4.32 -20.62
N THR B 1 -15.73 0.37 16.36
CA THR B 1 -16.16 1.36 17.37
C THR B 1 -15.12 2.48 17.42
N ARG B 2 -13.88 2.12 17.72
CA ARG B 2 -12.75 3.09 17.80
C ARG B 2 -11.59 2.75 16.84
N SER B 3 -11.93 1.94 15.84
CA SER B 3 -11.01 1.35 14.88
C SER B 3 -11.10 1.99 13.47
N GLY B 4 -11.64 3.23 13.39
CA GLY B 4 -11.75 3.99 12.15
C GLY B 4 -10.42 4.53 11.61
N LYS B 5 -10.37 4.72 10.27
CA LYS B 5 -9.20 5.32 9.59
C LYS B 5 -8.98 6.83 9.97
N VAL B 6 -7.87 7.13 10.63
CA VAL B 6 -7.55 8.50 11.13
C VAL B 6 -6.04 8.76 11.06
N MET B 7 -5.68 10.03 10.95
CA MET B 7 -4.28 10.43 11.09
C MET B 7 -3.93 10.52 12.57
N ARG B 8 -2.71 10.13 12.95
CA ARG B 8 -2.32 10.27 14.35
C ARG B 8 -1.54 11.56 14.59
#